data_3ZTA
#
_entry.id   3ZTA
#
_cell.length_a   56.410
_cell.length_b   56.410
_cell.length_c   148.310
_cell.angle_alpha   90.00
_cell.angle_beta   90.00
_cell.angle_gamma   90.00
#
_symmetry.space_group_name_H-M   'P 43 2 2'
#
loop_
_entity.id
_entity.type
_entity.pdbx_description
1 polymer 'ANTI-SIGMA-FACTOR ANTAGONIST (STAS) DOMAIN PROTEIN'
2 water water
#
_entity_poly.entity_id   1
_entity_poly.type   'polypeptide(L)'
_entity_poly.pdbx_seq_one_letter_code
;(MSE)DICGELKAENIVEKAINLLSKEDQAGVHFNEISALTRDFCRAILSDLEQSGFTTSELEKEIADKVKI(MSE)FAQ
GYHIEVLQLILEKILDSFISVIREQYHDLQAAASYITTVRDHIFKGTSFLLK(MSE)ALQTQREVIQKQNEAL(MSE)EL
ST
;
_entity_poly.pdbx_strand_id   A
#
# COMPACT_ATOMS: atom_id res chain seq x y z
N LYS A 8 -3.05 1.35 19.43
CA LYS A 8 -3.76 1.39 18.15
C LYS A 8 -3.22 2.52 17.28
N ALA A 9 -3.92 2.80 16.19
CA ALA A 9 -3.68 4.00 15.40
C ALA A 9 -2.21 4.23 15.07
N GLU A 10 -1.68 5.37 15.51
CA GLU A 10 -0.30 5.76 15.24
C GLU A 10 0.71 4.68 15.67
N ASN A 11 0.36 3.90 16.68
CA ASN A 11 1.25 2.84 17.15
C ASN A 11 1.60 1.86 16.04
N ILE A 12 0.68 1.69 15.10
CA ILE A 12 0.96 0.93 13.89
C ILE A 12 1.90 1.74 12.99
N VAL A 13 1.52 2.99 12.72
CA VAL A 13 2.25 3.82 11.80
C VAL A 13 3.72 3.90 12.18
N GLU A 14 4.00 4.37 13.40
CA GLU A 14 5.38 4.52 13.86
C GLU A 14 6.13 3.20 13.79
N LYS A 15 5.41 2.09 13.96
CA LYS A 15 6.06 0.79 13.85
C LYS A 15 6.40 0.50 12.38
N ALA A 16 5.41 0.70 11.50
CA ALA A 16 5.62 0.50 10.07
C ALA A 16 6.78 1.35 9.60
N ILE A 17 6.69 2.65 9.85
CA ILE A 17 7.76 3.57 9.52
C ILE A 17 9.09 3.03 10.01
N ASN A 18 9.10 2.55 11.25
CA ASN A 18 10.35 2.08 11.83
C ASN A 18 10.94 0.97 10.96
N LEU A 19 10.11 -0.01 10.60
CA LEU A 19 10.56 -1.10 9.76
C LEU A 19 11.09 -0.54 8.45
N LEU A 20 10.37 0.43 7.89
CA LEU A 20 10.74 0.99 6.61
C LEU A 20 12.05 1.76 6.71
N SER A 21 12.35 2.24 7.91
CA SER A 21 13.61 2.91 8.17
C SER A 21 14.79 1.99 7.84
N LYS A 22 14.54 0.68 7.93
CA LYS A 22 15.58 -0.32 7.73
C LYS A 22 15.61 -0.85 6.29
N GLU A 23 14.76 -0.31 5.43
CA GLU A 23 14.64 -0.83 4.07
C GLU A 23 15.10 0.17 3.01
N ASP A 24 15.46 -0.35 1.83
CA ASP A 24 15.82 0.49 0.70
C ASP A 24 14.60 1.27 0.24
N GLN A 25 14.77 2.60 0.12
CA GLN A 25 13.64 3.47 -0.16
C GLN A 25 13.47 3.79 -1.65
N ALA A 26 14.32 3.22 -2.48
CA ALA A 26 14.18 3.35 -3.94
C ALA A 26 14.25 4.80 -4.43
N GLY A 27 15.04 5.62 -3.74
CA GLY A 27 15.23 7.01 -4.13
C GLY A 27 14.23 7.97 -3.51
N VAL A 28 13.10 7.43 -3.09
CA VAL A 28 12.05 8.21 -2.45
C VAL A 28 12.51 8.80 -1.12
N HIS A 29 12.25 10.09 -0.93
CA HIS A 29 12.60 10.76 0.32
C HIS A 29 11.83 10.14 1.48
N PHE A 30 12.45 10.08 2.64
CA PHE A 30 11.86 9.39 3.78
C PHE A 30 10.58 10.05 4.28
N ASN A 31 10.49 11.37 4.19
CA ASN A 31 9.27 12.06 4.64
C ASN A 31 8.07 11.64 3.79
N GLU A 32 8.31 11.48 2.49
CA GLU A 32 7.26 10.98 1.60
C GLU A 32 6.92 9.53 1.94
N ILE A 33 7.93 8.73 2.19
CA ILE A 33 7.73 7.35 2.64
C ILE A 33 6.78 7.32 3.83
N SER A 34 7.08 8.15 4.82
CA SER A 34 6.30 8.23 6.05
C SER A 34 4.86 8.64 5.74
N ALA A 35 4.71 9.68 4.93
CA ALA A 35 3.38 10.16 4.57
C ALA A 35 2.57 9.04 3.92
N LEU A 36 3.16 8.35 2.96
CA LEU A 36 2.52 7.22 2.29
C LEU A 36 2.08 6.17 3.30
N THR A 37 2.99 5.78 4.19
CA THR A 37 2.67 4.82 5.22
C THR A 37 1.44 5.27 6.01
N ARG A 38 1.40 6.56 6.34
CA ARG A 38 0.29 7.11 7.11
C ARG A 38 -1.03 7.04 6.35
N ASP A 39 -1.00 7.46 5.09
CA ASP A 39 -2.19 7.42 4.23
C ASP A 39 -2.73 5.99 4.13
N PHE A 40 -1.82 5.04 3.92
CA PHE A 40 -2.23 3.64 3.79
C PHE A 40 -2.82 3.08 5.09
N CYS A 41 -2.13 3.27 6.20
CA CYS A 41 -2.65 2.83 7.50
C CYS A 41 -4.04 3.43 7.76
N ARG A 42 -4.16 4.74 7.54
CA ARG A 42 -5.41 5.43 7.71
C ARG A 42 -6.51 4.78 6.88
N ALA A 43 -6.21 4.52 5.61
CA ALA A 43 -7.17 3.93 4.69
C ALA A 43 -7.62 2.54 5.13
N ILE A 44 -6.66 1.65 5.40
CA ILE A 44 -6.99 0.28 5.77
C ILE A 44 -7.71 0.22 7.12
N LEU A 45 -7.45 1.19 7.99
CA LEU A 45 -8.17 1.26 9.26
C LEU A 45 -9.60 1.73 9.04
N SER A 46 -9.78 2.71 8.16
CA SER A 46 -11.11 3.14 7.78
C SER A 46 -11.91 1.97 7.20
N ASP A 47 -11.25 1.15 6.40
CA ASP A 47 -11.89 -0.04 5.83
C ASP A 47 -12.22 -1.08 6.89
N LEU A 48 -11.30 -1.29 7.81
CA LEU A 48 -11.45 -2.32 8.84
C LEU A 48 -12.59 -2.06 9.80
N GLU A 49 -12.69 -0.82 10.29
CA GLU A 49 -13.71 -0.47 11.27
C GLU A 49 -15.10 -0.61 10.66
N GLN A 50 -15.15 -0.81 9.34
CA GLN A 50 -16.42 -0.98 8.62
C GLN A 50 -17.04 -2.35 8.87
N SER A 51 -18.36 -2.42 8.65
CA SER A 51 -19.07 -3.69 8.63
C SER A 51 -19.35 -4.08 7.18
N GLY A 52 -19.19 -5.36 6.85
CA GLY A 52 -19.45 -5.81 5.50
C GLY A 52 -18.24 -5.80 4.61
N PHE A 53 -17.05 -5.68 5.20
CA PHE A 53 -15.80 -5.89 4.46
C PHE A 53 -15.63 -4.96 3.26
N THR A 54 -15.33 -3.70 3.51
CA THR A 54 -15.03 -2.77 2.42
C THR A 54 -13.53 -2.69 2.12
N THR A 55 -13.17 -2.85 0.84
CA THR A 55 -11.80 -2.62 0.37
C THR A 55 -11.62 -1.26 -0.28
N SER A 56 -12.69 -0.47 -0.34
CA SER A 56 -12.75 0.72 -1.19
C SER A 56 -11.74 1.82 -0.88
N GLU A 57 -11.56 2.13 0.40
CA GLU A 57 -10.69 3.24 0.81
C GLU A 57 -9.24 2.98 0.46
N LEU A 58 -8.73 1.82 0.89
CA LEU A 58 -7.38 1.43 0.57
C LEU A 58 -7.16 1.41 -0.94
N GLU A 59 -8.16 0.93 -1.68
CA GLU A 59 -8.10 0.95 -3.13
C GLU A 59 -7.92 2.36 -3.66
N LYS A 60 -8.70 3.29 -3.10
CA LYS A 60 -8.60 4.69 -3.47
C LYS A 60 -7.17 5.19 -3.28
N GLU A 61 -6.67 5.03 -2.05
CA GLU A 61 -5.30 5.46 -1.74
C GLU A 61 -4.29 4.87 -2.70
N ILE A 62 -4.46 3.59 -3.02
CA ILE A 62 -3.53 2.88 -3.88
C ILE A 62 -3.53 3.45 -5.30
N ALA A 63 -4.71 3.59 -5.90
CA ALA A 63 -4.81 4.17 -7.23
C ALA A 63 -4.15 5.55 -7.27
N ASP A 64 -4.54 6.40 -6.32
CA ASP A 64 -4.01 7.75 -6.27
C ASP A 64 -2.47 7.73 -6.20
N LYS A 65 -1.95 6.94 -5.27
CA LYS A 65 -0.51 6.89 -5.02
C LYS A 65 0.27 6.25 -6.17
N VAL A 66 -0.37 5.36 -6.91
CA VAL A 66 0.24 4.83 -8.12
C VAL A 66 0.43 5.99 -9.08
N LYS A 67 -0.65 6.73 -9.32
CA LYS A 67 -0.58 7.93 -10.14
C LYS A 67 0.61 8.82 -9.71
N ILE A 68 0.56 9.30 -8.47
CA ILE A 68 1.60 10.15 -7.94
C ILE A 68 3.00 9.59 -8.16
N MSE A 69 3.19 8.33 -7.80
CA MSE A 69 4.49 7.67 -7.91
C MSE A 69 5.00 7.72 -9.34
O MSE A 69 6.18 8.03 -9.58
CB MSE A 69 4.38 6.21 -7.46
CG MSE A 69 5.55 5.76 -6.62
SE MSE A 69 5.54 6.70 -4.92
CE MSE A 69 7.38 6.40 -4.39
N PHE A 70 4.13 7.39 -10.27
CA PHE A 70 4.53 7.34 -11.67
C PHE A 70 4.89 8.74 -12.17
N ALA A 71 4.10 9.73 -11.77
CA ALA A 71 4.38 11.11 -12.15
C ALA A 71 5.73 11.60 -11.59
N GLN A 72 6.05 11.16 -10.38
CA GLN A 72 7.29 11.55 -9.72
C GLN A 72 8.49 10.72 -10.19
N GLY A 73 8.22 9.68 -10.95
CA GLY A 73 9.28 8.85 -11.53
C GLY A 73 9.93 7.88 -10.56
N TYR A 74 9.20 7.49 -9.52
CA TYR A 74 9.70 6.50 -8.56
C TYR A 74 9.17 5.09 -8.88
N HIS A 75 10.00 4.07 -8.63
CA HIS A 75 9.56 2.69 -8.81
C HIS A 75 8.32 2.40 -7.96
N ILE A 76 7.28 1.88 -8.61
CA ILE A 76 5.99 1.66 -7.96
C ILE A 76 6.05 0.54 -6.92
N GLU A 77 7.01 -0.36 -7.08
CA GLU A 77 7.18 -1.47 -6.16
C GLU A 77 7.31 -0.99 -4.72
N VAL A 78 7.78 0.24 -4.55
CA VAL A 78 8.02 0.79 -3.23
C VAL A 78 6.73 0.84 -2.41
N LEU A 79 5.59 0.83 -3.11
CA LEU A 79 4.30 0.79 -2.43
C LEU A 79 4.05 -0.60 -1.84
N GLN A 80 4.31 -1.63 -2.65
CA GLN A 80 4.18 -3.01 -2.20
C GLN A 80 4.92 -3.17 -0.88
N LEU A 81 6.19 -2.79 -0.88
CA LEU A 81 7.02 -2.88 0.31
C LEU A 81 6.30 -2.24 1.49
N ILE A 82 5.83 -1.00 1.29
CA ILE A 82 5.13 -0.29 2.34
C ILE A 82 4.01 -1.16 2.88
N LEU A 83 3.13 -1.62 1.98
CA LEU A 83 2.04 -2.48 2.40
C LEU A 83 2.59 -3.63 3.25
N GLU A 84 3.59 -4.33 2.72
CA GLU A 84 4.15 -5.46 3.42
C GLU A 84 4.50 -5.07 4.85
N LYS A 85 5.26 -3.98 4.99
CA LYS A 85 5.71 -3.58 6.31
C LYS A 85 4.51 -3.25 7.20
N ILE A 86 3.55 -2.54 6.63
CA ILE A 86 2.32 -2.24 7.37
C ILE A 86 1.74 -3.53 7.93
N LEU A 87 1.65 -4.55 7.07
CA LEU A 87 1.12 -5.82 7.53
C LEU A 87 1.90 -6.26 8.76
N ASP A 88 3.22 -6.34 8.63
CA ASP A 88 4.05 -6.77 9.75
C ASP A 88 3.66 -5.96 10.98
N SER A 89 3.59 -4.65 10.81
CA SER A 89 3.32 -3.76 11.93
C SER A 89 2.07 -4.27 12.65
N PHE A 90 0.99 -4.42 11.91
CA PHE A 90 -0.26 -4.86 12.52
C PHE A 90 0.02 -6.11 13.35
N ILE A 91 0.59 -7.12 12.71
CA ILE A 91 0.84 -8.38 13.39
C ILE A 91 1.54 -8.08 14.70
N SER A 92 2.65 -7.36 14.62
CA SER A 92 3.43 -7.05 15.81
C SER A 92 2.52 -6.48 16.89
N VAL A 93 1.82 -5.40 16.55
CA VAL A 93 0.97 -4.72 17.51
C VAL A 93 -0.05 -5.68 18.08
N ILE A 94 -0.67 -6.47 17.21
CA ILE A 94 -1.75 -7.36 17.63
C ILE A 94 -1.23 -8.48 18.51
N ARG A 95 0.06 -8.79 18.39
CA ARG A 95 0.67 -9.79 19.24
C ARG A 95 0.83 -9.22 20.64
N GLU A 96 1.05 -7.91 20.71
CA GLU A 96 1.20 -7.21 21.98
C GLU A 96 -0.16 -7.01 22.65
N GLN A 97 -1.00 -6.20 22.01
CA GLN A 97 -2.26 -5.75 22.60
C GLN A 97 -3.27 -6.87 22.93
N TYR A 98 -3.32 -7.91 22.10
CA TYR A 98 -4.31 -8.97 22.32
C TYR A 98 -3.71 -10.24 22.91
N HIS A 99 -4.03 -10.50 24.17
CA HIS A 99 -3.52 -11.67 24.87
C HIS A 99 -4.41 -12.89 24.65
N ASP A 100 -5.57 -12.68 24.02
CA ASP A 100 -6.43 -13.78 23.64
C ASP A 100 -6.06 -14.21 22.23
N LEU A 101 -5.47 -15.40 22.12
CA LEU A 101 -4.87 -15.85 20.87
C LEU A 101 -5.89 -16.04 19.76
N GLN A 102 -7.12 -16.36 20.14
CA GLN A 102 -8.20 -16.55 19.17
C GLN A 102 -8.58 -15.20 18.53
N ALA A 103 -8.88 -14.23 19.38
CA ALA A 103 -9.21 -12.89 18.90
C ALA A 103 -8.08 -12.35 18.01
N ALA A 104 -6.86 -12.48 18.50
CA ALA A 104 -5.68 -12.04 17.78
C ALA A 104 -5.60 -12.70 16.41
N ALA A 105 -5.76 -14.02 16.40
CA ALA A 105 -5.71 -14.78 15.16
C ALA A 105 -6.73 -14.26 14.15
N SER A 106 -7.96 -14.02 14.62
CA SER A 106 -9.01 -13.55 13.73
C SER A 106 -8.73 -12.16 13.15
N TYR A 107 -8.35 -11.22 14.03
CA TYR A 107 -8.03 -9.88 13.58
C TYR A 107 -6.88 -9.90 12.56
N ILE A 108 -5.85 -10.68 12.87
CA ILE A 108 -4.70 -10.81 11.99
C ILE A 108 -5.07 -11.43 10.64
N THR A 109 -5.99 -12.39 10.67
CA THR A 109 -6.47 -13.02 9.45
C THR A 109 -7.21 -12.04 8.56
N THR A 110 -8.05 -11.20 9.16
CA THR A 110 -8.80 -10.23 8.37
C THR A 110 -7.89 -9.10 7.83
N VAL A 111 -6.91 -8.71 8.63
CA VAL A 111 -5.92 -7.73 8.17
C VAL A 111 -5.12 -8.29 7.00
N ARG A 112 -4.66 -9.52 7.14
CA ARG A 112 -3.88 -10.19 6.09
C ARG A 112 -4.71 -10.29 4.82
N ASP A 113 -5.99 -10.59 4.97
CA ASP A 113 -6.92 -10.58 3.85
C ASP A 113 -6.89 -9.21 3.16
N HIS A 114 -7.27 -8.17 3.90
CA HIS A 114 -7.30 -6.81 3.38
C HIS A 114 -6.03 -6.43 2.62
N ILE A 115 -4.88 -6.69 3.25
CA ILE A 115 -3.58 -6.35 2.65
C ILE A 115 -3.31 -7.13 1.36
N PHE A 116 -3.52 -8.44 1.38
CA PHE A 116 -3.26 -9.24 0.18
C PHE A 116 -4.14 -8.77 -0.98
N LYS A 117 -5.41 -8.50 -0.69
CA LYS A 117 -6.29 -7.95 -1.72
C LYS A 117 -5.79 -6.59 -2.20
N GLY A 118 -5.23 -5.82 -1.27
CA GLY A 118 -4.66 -4.54 -1.59
C GLY A 118 -3.48 -4.62 -2.54
N THR A 119 -2.60 -5.59 -2.33
CA THR A 119 -1.44 -5.76 -3.19
C THR A 119 -1.85 -6.33 -4.55
N SER A 120 -2.91 -7.12 -4.56
CA SER A 120 -3.47 -7.61 -5.82
C SER A 120 -3.95 -6.41 -6.65
N PHE A 121 -4.77 -5.57 -6.01
CA PHE A 121 -5.26 -4.36 -6.65
C PHE A 121 -4.11 -3.51 -7.13
N LEU A 122 -3.09 -3.38 -6.28
CA LEU A 122 -1.90 -2.60 -6.61
C LEU A 122 -1.24 -3.11 -7.89
N LEU A 123 -1.12 -4.43 -7.99
CA LEU A 123 -0.57 -5.04 -9.20
C LEU A 123 -1.38 -4.60 -10.41
N LYS A 124 -2.70 -4.82 -10.34
CA LYS A 124 -3.58 -4.42 -11.45
C LYS A 124 -3.33 -2.97 -11.86
N MSE A 125 -3.38 -2.06 -10.88
CA MSE A 125 -3.25 -0.63 -11.14
C MSE A 125 -1.92 -0.29 -11.80
O MSE A 125 -1.88 0.39 -12.84
CB MSE A 125 -3.40 0.16 -9.85
CG MSE A 125 -4.82 0.23 -9.33
SE MSE A 125 -6.03 1.06 -10.61
CE MSE A 125 -7.12 -0.51 -11.06
N ALA A 126 -0.82 -0.72 -11.18
CA ALA A 126 0.50 -0.43 -11.72
C ALA A 126 0.59 -0.89 -13.17
N LEU A 127 0.15 -2.13 -13.42
CA LEU A 127 0.19 -2.68 -14.78
C LEU A 127 -0.66 -1.89 -15.77
N GLN A 128 -1.87 -1.50 -15.35
CA GLN A 128 -2.77 -0.71 -16.19
C GLN A 128 -2.09 0.58 -16.59
N THR A 129 -1.56 1.28 -15.60
CA THR A 129 -0.88 2.55 -15.82
C THR A 129 0.26 2.41 -16.82
N GLN A 130 1.20 1.53 -16.50
CA GLN A 130 2.37 1.37 -17.37
C GLN A 130 1.96 0.94 -18.78
N ARG A 131 0.89 0.16 -18.88
CA ARG A 131 0.38 -0.24 -20.18
C ARG A 131 -0.14 0.96 -20.96
N GLU A 132 -0.93 1.79 -20.30
CA GLU A 132 -1.43 3.02 -20.91
C GLU A 132 -0.30 3.85 -21.47
N VAL A 133 0.76 4.02 -20.67
CA VAL A 133 1.92 4.76 -21.16
C VAL A 133 2.58 4.09 -22.37
N ILE A 134 2.80 2.78 -22.28
CA ILE A 134 3.43 2.03 -23.37
C ILE A 134 2.64 2.19 -24.68
N GLN A 135 1.31 2.19 -24.56
CA GLN A 135 0.44 2.38 -25.71
C GLN A 135 0.56 3.81 -26.25
N LYS A 136 0.50 4.78 -25.35
CA LYS A 136 0.69 6.17 -25.74
C LYS A 136 1.94 6.27 -26.61
N GLN A 137 3.08 5.92 -26.03
CA GLN A 137 4.34 5.90 -26.76
C GLN A 137 4.26 5.12 -28.07
N ASN A 138 3.46 4.07 -28.10
CA ASN A 138 3.32 3.26 -29.31
C ASN A 138 2.63 4.01 -30.47
N GLU A 139 1.47 4.59 -30.18
CA GLU A 139 0.77 5.40 -31.17
C GLU A 139 1.64 6.56 -31.61
N ALA A 140 2.31 7.19 -30.64
CA ALA A 140 3.25 8.25 -30.96
C ALA A 140 4.20 7.72 -32.02
N LEU A 141 4.83 6.59 -31.69
CA LEU A 141 5.79 5.96 -32.58
C LEU A 141 5.29 5.73 -34.01
N MSE A 142 4.15 5.05 -34.14
CA MSE A 142 3.63 4.69 -35.47
C MSE A 142 2.99 5.84 -36.25
O MSE A 142 3.41 6.16 -37.36
CB MSE A 142 2.73 3.44 -35.41
CG MSE A 142 1.43 3.57 -34.61
SE MSE A 142 0.58 1.82 -34.43
CE MSE A 142 -1.29 2.35 -34.25
N GLU A 143 1.95 6.45 -35.68
CA GLU A 143 1.29 7.53 -36.37
C GLU A 143 2.30 8.67 -36.63
N LEU A 144 3.45 8.62 -35.96
CA LEU A 144 4.54 9.56 -36.24
C LEU A 144 5.65 9.03 -37.15
N SER A 145 5.55 7.77 -37.59
CA SER A 145 6.54 7.25 -38.54
C SER A 145 6.07 7.53 -39.96
N THR A 146 4.96 8.27 -40.07
CA THR A 146 4.45 8.76 -41.35
C THR A 146 5.52 9.53 -42.15
#